data_4YEC
#
_entry.id   4YEC
#
_cell.length_a   38.886
_cell.length_b   107.344
_cell.length_c   40.937
_cell.angle_alpha   90.00
_cell.angle_beta   116.59
_cell.angle_gamma   90.00
#
_symmetry.space_group_name_H-M   'P 1 21 1'
#
loop_
_entity.id
_entity.type
_entity.pdbx_description
1 polymer 'Clostripain family'
2 polymer 'Clostripain family'
3 polymer 'Peptide inhibitor Ac-VLTK-AOMK'
4 water water
#
loop_
_entity_poly.entity_id
_entity_poly.type
_entity_poly.pdbx_seq_one_letter_code
_entity_poly.pdbx_strand_id
1 'polypeptide(L)'
;METPEPRTTRTILVYMMANNSLNSFASKNIESMIEGATSKNLNGGNLIVYYAPAGSPPELLRIKEENGVVKKIHLKDYEK
QNSADPDVMRSVIGEVVSQYPADSYGLVLWSHGTAWLPSDYQNKLK
;
A
2 'polypeptide(L)'
;AFGQDGNNWMEIDDLAKGLPDDLFDFILFDACYMASVECTYELRNKAEYILASPTETMADGWPYEEMMPQLFATDLQLEK
VGETFYNHYLNNTYPYATVSLTKTSELDNLKSAIHDILADKTESDIYSLDPKNMQRLEYLYRSPGMLYDFNDYIKQLATA
EQYDRFISCLDKAVVYKAHTPKSYYAAIGNALPIKSYCGLTIFVPQESLPKMLEWYKQRVGWYKAVYELEHHHHHH
;
B
3 'polypeptide(L)' (ACE)VLT(CKC) C
#
# COMPACT_ATOMS: atom_id res chain seq x y z
N MET A 1 -21.52 -28.46 9.95
CA MET A 1 -21.38 -27.39 8.98
C MET A 1 -21.00 -26.10 9.68
N GLU A 2 -20.29 -25.21 9.01
CA GLU A 2 -20.10 -23.88 9.57
C GLU A 2 -21.18 -22.96 9.02
N THR A 3 -21.81 -22.22 9.92
CA THR A 3 -22.87 -21.30 9.55
C THR A 3 -22.27 -19.91 9.51
N PRO A 4 -22.31 -19.25 8.33
CA PRO A 4 -21.88 -17.85 8.28
C PRO A 4 -22.61 -16.95 9.27
N GLU A 5 -21.89 -15.95 9.76
CA GLU A 5 -22.46 -14.92 10.58
C GLU A 5 -23.52 -14.19 9.78
N PRO A 6 -24.49 -13.57 10.49
CA PRO A 6 -25.46 -12.75 9.78
C PRO A 6 -24.73 -11.67 8.96
N ARG A 7 -25.17 -11.46 7.71
CA ARG A 7 -24.59 -10.44 6.85
C ARG A 7 -24.63 -9.09 7.53
N THR A 8 -23.67 -8.23 7.17
CA THR A 8 -23.63 -6.93 7.79
C THR A 8 -23.17 -5.87 6.79
N THR A 9 -22.98 -4.64 7.27
CA THR A 9 -22.55 -3.50 6.46
C THR A 9 -21.12 -3.62 5.94
N ARG A 10 -20.17 -3.97 6.79
CA ARG A 10 -18.78 -4.05 6.35
C ARG A 10 -17.98 -5.13 7.08
N THR A 11 -17.14 -5.85 6.35
CA THR A 11 -16.11 -6.75 6.88
C THR A 11 -14.75 -6.22 6.46
N ILE A 12 -13.87 -6.00 7.42
CA ILE A 12 -12.48 -5.62 7.12
C ILE A 12 -11.57 -6.75 7.61
N LEU A 13 -10.70 -7.19 6.70
CA LEU A 13 -9.63 -8.11 6.97
C LEU A 13 -8.30 -7.39 7.05
N VAL A 14 -7.59 -7.56 8.15
CA VAL A 14 -6.22 -7.09 8.25
C VAL A 14 -5.31 -8.29 8.04
N TYR A 15 -4.52 -8.26 6.97
CA TYR A 15 -3.67 -9.37 6.62
C TYR A 15 -2.25 -8.98 7.01
N MET A 16 -1.80 -9.54 8.13
CA MET A 16 -0.54 -9.12 8.74
C MET A 16 0.58 -10.11 8.55
N MET A 17 1.46 -9.79 7.60
CA MET A 17 2.62 -10.61 7.36
CA MET A 17 2.63 -10.61 7.35
C MET A 17 3.74 -10.08 8.23
N ALA A 18 3.87 -10.70 9.41
CA ALA A 18 4.79 -10.22 10.42
C ALA A 18 5.85 -11.25 10.75
N ASN A 19 6.01 -12.26 9.89
CA ASN A 19 7.09 -13.22 10.03
C ASN A 19 8.38 -12.57 9.53
N ASN A 20 8.88 -11.60 10.30
CA ASN A 20 9.99 -10.71 9.95
C ASN A 20 10.28 -9.75 11.13
N SER A 21 11.12 -8.72 10.93
CA SER A 21 11.49 -7.80 12.01
C SER A 21 10.41 -6.81 12.48
N LEU A 22 9.23 -6.83 11.87
CA LEU A 22 8.18 -5.93 12.29
C LEU A 22 7.29 -6.54 13.38
N ASN A 23 7.59 -7.78 13.76
CA ASN A 23 6.82 -8.49 14.80
C ASN A 23 6.26 -7.69 15.98
N SER A 24 7.15 -7.01 16.70
CA SER A 24 6.72 -6.28 17.89
C SER A 24 5.73 -5.19 17.55
N PHE A 25 5.88 -4.57 16.38
CA PHE A 25 4.98 -3.50 16.01
C PHE A 25 3.60 -4.05 15.60
N ALA A 26 3.53 -5.25 15.02
CA ALA A 26 2.22 -5.85 14.69
C ALA A 26 1.40 -6.01 15.95
N SER A 27 2.04 -6.48 17.01
CA SER A 27 1.38 -6.64 18.31
C SER A 27 0.91 -5.30 18.93
N LYS A 28 1.72 -4.26 18.85
CA LYS A 28 1.30 -2.93 19.29
CA LYS A 28 1.32 -2.93 19.28
C LYS A 28 0.14 -2.43 18.42
N ASN A 29 0.21 -2.69 17.11
CA ASN A 29 -0.88 -2.29 16.24
CA ASN A 29 -0.85 -2.35 16.19
C ASN A 29 -2.17 -3.07 16.54
N ILE A 30 -2.04 -4.36 16.89
CA ILE A 30 -3.24 -5.11 17.25
C ILE A 30 -3.81 -4.54 18.56
N GLU A 31 -2.96 -4.13 19.50
CA GLU A 31 -3.51 -3.52 20.69
CA GLU A 31 -3.40 -3.45 20.72
C GLU A 31 -4.25 -2.23 20.36
N SER A 32 -3.75 -1.45 19.40
CA SER A 32 -4.49 -0.25 19.04
CA SER A 32 -4.44 -0.23 18.99
C SER A 32 -5.81 -0.59 18.37
N MET A 33 -5.81 -1.64 17.56
CA MET A 33 -7.08 -2.12 16.98
C MET A 33 -8.09 -2.48 18.09
N ILE A 34 -7.61 -3.17 19.12
CA ILE A 34 -8.46 -3.57 20.24
C ILE A 34 -9.05 -2.34 20.93
N GLU A 35 -8.25 -1.28 21.12
CA GLU A 35 -8.75 -0.06 21.73
C GLU A 35 -9.89 0.57 20.92
N GLY A 36 -9.81 0.47 19.60
CA GLY A 36 -10.79 1.12 18.74
C GLY A 36 -11.99 0.28 18.40
N ALA A 37 -11.89 -1.04 18.54
CA ALA A 37 -12.91 -1.92 17.97
C ALA A 37 -14.08 -2.19 18.93
N THR A 38 -14.60 -1.14 19.55
CA THR A 38 -15.82 -1.23 20.38
C THR A 38 -17.04 -1.54 19.54
N SER A 39 -18.11 -2.01 20.19
CA SER A 39 -19.34 -2.25 19.47
C SER A 39 -19.79 -0.97 18.77
N LYS A 40 -19.73 0.16 19.48
CA LYS A 40 -20.15 1.42 18.89
C LYS A 40 -19.31 1.76 17.64
N ASN A 41 -18.00 1.59 17.73
CA ASN A 41 -17.14 1.96 16.60
C ASN A 41 -17.21 1.00 15.45
N LEU A 42 -17.41 -0.28 15.71
CA LEU A 42 -17.49 -1.21 14.60
C LEU A 42 -18.82 -1.07 13.89
N ASN A 43 -19.80 -0.48 14.55
CA ASN A 43 -20.99 -0.07 13.85
C ASN A 43 -21.62 -1.28 13.15
N GLY A 44 -21.59 -2.44 13.81
CA GLY A 44 -22.18 -3.64 13.24
C GLY A 44 -21.29 -4.47 12.34
N GLY A 45 -20.13 -3.94 11.99
CA GLY A 45 -19.26 -4.63 11.08
C GLY A 45 -18.32 -5.65 11.72
N ASN A 46 -17.58 -6.41 10.91
CA ASN A 46 -16.65 -7.42 11.37
C ASN A 46 -15.20 -7.00 11.16
N LEU A 47 -14.40 -7.11 12.22
CA LEU A 47 -12.95 -6.93 12.16
C LEU A 47 -12.22 -8.26 12.33
N ILE A 48 -11.61 -8.74 11.26
CA ILE A 48 -10.93 -10.03 11.21
C ILE A 48 -9.44 -9.75 10.96
N VAL A 49 -8.58 -10.43 11.70
CA VAL A 49 -7.14 -10.29 11.54
C VAL A 49 -6.52 -11.63 11.21
N TYR A 50 -5.77 -11.70 10.10
CA TYR A 50 -4.91 -12.82 9.82
C TYR A 50 -3.55 -12.39 10.32
N TYR A 51 -3.06 -13.07 11.33
CA TYR A 51 -1.86 -12.71 12.03
C TYR A 51 -0.83 -13.79 11.81
N ALA A 52 0.23 -13.44 11.08
CA ALA A 52 1.31 -14.38 10.79
C ALA A 52 2.59 -13.88 11.44
N PRO A 53 2.83 -14.27 12.71
CA PRO A 53 3.99 -13.78 13.45
C PRO A 53 5.25 -14.56 13.16
N ALA A 54 6.37 -14.13 13.72
CA ALA A 54 7.58 -14.93 13.69
C ALA A 54 7.56 -15.93 14.83
N GLY A 55 7.94 -17.16 14.54
CA GLY A 55 8.16 -18.14 15.59
C GLY A 55 6.98 -19.05 15.85
N SER A 56 5.80 -18.63 15.44
CA SER A 56 4.61 -19.48 15.62
C SER A 56 3.71 -19.44 14.37
N PRO A 57 2.83 -20.44 14.21
CA PRO A 57 1.99 -20.49 13.00
C PRO A 57 0.95 -19.40 12.94
N PRO A 58 0.45 -19.14 11.74
CA PRO A 58 -0.52 -18.05 11.64
C PRO A 58 -1.83 -18.36 12.35
N GLU A 59 -2.55 -17.30 12.66
CA GLU A 59 -3.83 -17.45 13.32
C GLU A 59 -4.83 -16.49 12.72
N LEU A 60 -6.08 -16.93 12.71
CA LEU A 60 -7.18 -16.07 12.30
C LEU A 60 -7.89 -15.62 13.57
N LEU A 61 -8.09 -14.31 13.71
CA LEU A 61 -8.62 -13.69 14.90
C LEU A 61 -9.84 -12.87 14.56
N ARG A 62 -10.82 -12.88 15.45
CA ARG A 62 -11.88 -11.90 15.39
C ARG A 62 -11.80 -10.94 16.55
N ILE A 63 -11.83 -9.64 16.26
CA ILE A 63 -11.79 -8.64 17.31
C ILE A 63 -13.22 -8.10 17.49
N LYS A 64 -13.83 -8.34 18.66
CA LYS A 64 -15.21 -7.99 18.85
C LYS A 64 -15.50 -7.78 20.34
N GLU A 65 -16.25 -6.74 20.65
CA GLU A 65 -16.70 -6.49 22.00
C GLU A 65 -17.82 -7.47 22.37
N GLU A 66 -17.65 -8.13 23.53
CA GLU A 66 -18.64 -9.00 24.12
C GLU A 66 -18.68 -8.71 25.61
N ASN A 67 -19.87 -8.51 26.15
CA ASN A 67 -20.01 -8.24 27.57
C ASN A 67 -19.13 -7.11 28.06
N GLY A 68 -19.08 -6.07 27.25
CA GLY A 68 -18.37 -4.85 27.63
C GLY A 68 -16.86 -4.86 27.50
N VAL A 69 -16.30 -5.88 26.88
CA VAL A 69 -14.85 -5.95 26.72
C VAL A 69 -14.54 -6.35 25.30
N VAL A 70 -13.60 -5.66 24.64
CA VAL A 70 -13.16 -6.08 23.31
C VAL A 70 -12.25 -7.29 23.45
N LYS A 71 -12.68 -8.40 22.85
CA LYS A 71 -11.94 -9.64 22.88
C LYS A 71 -11.19 -9.90 21.59
N LYS A 72 -10.05 -10.55 21.71
CA LYS A 72 -9.26 -11.04 20.58
C LYS A 72 -9.44 -12.56 20.47
N ILE A 73 -10.49 -12.97 19.78
CA ILE A 73 -10.94 -14.35 19.74
C ILE A 73 -10.22 -15.17 18.70
N HIS A 74 -9.65 -16.30 19.09
CA HIS A 74 -9.04 -17.21 18.14
C HIS A 74 -10.10 -17.95 17.34
N LEU A 75 -10.12 -17.72 16.03
CA LEU A 75 -11.02 -18.43 15.14
C LEU A 75 -10.38 -19.74 14.68
N LYS A 76 -9.18 -19.64 14.11
CA LYS A 76 -8.49 -20.74 13.44
C LYS A 76 -7.02 -20.64 13.78
N ASP A 77 -6.40 -21.77 14.04
CA ASP A 77 -4.96 -21.84 14.08
C ASP A 77 -4.55 -22.58 12.82
N TYR A 78 -3.77 -21.94 11.96
CA TYR A 78 -3.28 -22.60 10.75
C TYR A 78 -2.06 -23.44 11.07
N GLU A 79 -1.77 -24.40 10.20
CA GLU A 79 -0.44 -25.00 10.19
C GLU A 79 0.53 -24.06 9.49
N LYS A 80 1.81 -24.35 9.57
CA LYS A 80 2.80 -23.55 8.86
C LYS A 80 2.43 -23.43 7.37
N GLN A 81 2.43 -22.21 6.88
CA GLN A 81 2.08 -21.92 5.50
C GLN A 81 2.74 -20.65 5.07
N ASN A 82 2.96 -20.54 3.76
CA ASN A 82 3.57 -19.37 3.16
C ASN A 82 2.54 -18.28 2.95
N SER A 83 2.50 -17.30 3.84
CA SER A 83 1.50 -16.24 3.76
C SER A 83 1.72 -15.33 2.55
N ALA A 84 2.90 -15.40 1.93
CA ALA A 84 3.21 -14.65 0.72
C ALA A 84 2.87 -15.42 -0.57
N ASP A 85 2.37 -16.65 -0.45
CA ASP A 85 1.87 -17.36 -1.62
C ASP A 85 0.47 -16.82 -1.97
N PRO A 86 0.25 -16.33 -3.21
CA PRO A 86 -1.05 -15.78 -3.57
C PRO A 86 -2.23 -16.73 -3.33
N ASP A 87 -1.99 -18.01 -3.51
CA ASP A 87 -3.07 -18.96 -3.25
C ASP A 87 -3.41 -19.08 -1.76
N VAL A 88 -2.45 -18.89 -0.88
CA VAL A 88 -2.74 -18.85 0.55
C VAL A 88 -3.52 -17.58 0.89
N MET A 89 -3.07 -16.43 0.38
CA MET A 89 -3.81 -15.21 0.63
C MET A 89 -5.26 -15.33 0.14
N ARG A 90 -5.45 -15.87 -1.05
CA ARG A 90 -6.78 -15.99 -1.60
C ARG A 90 -7.65 -16.90 -0.75
N SER A 91 -7.06 -17.99 -0.28
CA SER A 91 -7.77 -18.94 0.57
CA SER A 91 -7.83 -18.93 0.54
C SER A 91 -8.24 -18.28 1.87
N VAL A 92 -7.38 -17.49 2.49
CA VAL A 92 -7.73 -16.80 3.73
C VAL A 92 -8.85 -15.80 3.45
N ILE A 93 -8.70 -15.04 2.36
CA ILE A 93 -9.75 -14.09 2.00
C ILE A 93 -11.09 -14.85 1.81
N GLY A 94 -11.05 -15.98 1.14
CA GLY A 94 -12.24 -16.77 0.92
C GLY A 94 -12.90 -17.28 2.21
N GLU A 95 -12.08 -17.70 3.17
CA GLU A 95 -12.59 -18.11 4.48
C GLU A 95 -13.34 -16.96 5.13
N VAL A 96 -12.71 -15.79 5.09
CA VAL A 96 -13.24 -14.64 5.73
C VAL A 96 -14.53 -14.16 5.07
N VAL A 97 -14.51 -14.02 3.74
CA VAL A 97 -15.67 -13.52 3.03
C VAL A 97 -16.88 -14.45 3.19
N SER A 98 -16.61 -15.73 3.16
CA SER A 98 -17.65 -16.74 3.37
C SER A 98 -18.31 -16.70 4.74
N GLN A 99 -17.49 -16.56 5.77
CA GLN A 99 -17.98 -16.62 7.14
C GLN A 99 -18.51 -15.27 7.64
N TYR A 100 -18.03 -14.16 7.06
CA TYR A 100 -18.40 -12.80 7.47
C TYR A 100 -18.89 -11.97 6.28
N PRO A 101 -20.01 -12.38 5.70
CA PRO A 101 -20.50 -11.67 4.51
C PRO A 101 -20.95 -10.24 4.82
N ALA A 102 -20.75 -9.34 3.86
CA ALA A 102 -21.06 -7.93 4.08
C ALA A 102 -21.39 -7.22 2.79
N ASP A 103 -22.01 -6.05 2.89
CA ASP A 103 -22.25 -5.19 1.73
C ASP A 103 -20.97 -4.58 1.18
N SER A 104 -19.95 -4.49 2.03
CA SER A 104 -18.69 -3.83 1.68
CA SER A 104 -18.69 -3.80 1.73
C SER A 104 -17.56 -4.57 2.36
N TYR A 105 -16.44 -4.67 1.66
CA TYR A 105 -15.25 -5.32 2.18
C TYR A 105 -14.08 -4.38 2.06
N GLY A 106 -13.23 -4.40 3.10
CA GLY A 106 -11.99 -3.66 3.08
C GLY A 106 -10.85 -4.59 3.42
N LEU A 107 -9.66 -4.24 2.94
CA LEU A 107 -8.46 -5.01 3.17
C LEU A 107 -7.35 -4.10 3.64
N VAL A 108 -6.76 -4.43 4.78
CA VAL A 108 -5.51 -3.80 5.21
C VAL A 108 -4.38 -4.77 4.98
N LEU A 109 -3.44 -4.38 4.14
CA LEU A 109 -2.27 -5.19 3.86
C LEU A 109 -1.12 -4.62 4.67
N TRP A 110 -0.63 -5.42 5.62
CA TRP A 110 0.34 -4.97 6.61
C TRP A 110 1.60 -5.78 6.51
N SER A 111 2.73 -5.15 6.18
CA SER A 111 4.02 -5.81 6.13
C SER A 111 5.09 -4.82 5.66
N HIS A 112 6.25 -5.37 5.37
CA HIS A 112 7.25 -4.60 4.63
C HIS A 112 6.80 -4.36 3.20
N GLY A 113 7.16 -3.22 2.62
CA GLY A 113 6.87 -2.94 1.22
C GLY A 113 8.01 -2.25 0.52
N THR A 114 8.09 -2.49 -0.79
CA THR A 114 9.10 -1.91 -1.67
C THR A 114 8.51 -1.59 -3.05
N ALA A 115 7.29 -1.10 -3.06
CA ALA A 115 6.62 -0.71 -4.31
C ALA A 115 6.59 -1.92 -5.22
N TRP A 116 6.89 -1.70 -6.51
CA TRP A 116 6.88 -2.75 -7.51
C TRP A 116 8.19 -3.50 -7.59
N LEU A 117 9.17 -3.04 -6.82
CA LEU A 117 10.52 -3.53 -7.01
C LEU A 117 10.61 -5.04 -6.84
N PRO A 118 11.44 -5.71 -7.65
CA PRO A 118 11.62 -7.15 -7.44
C PRO A 118 12.18 -7.38 -6.05
N SER A 119 11.87 -8.48 -5.40
CA SER A 119 12.36 -8.66 -4.05
C SER A 119 13.86 -8.88 -4.01
N ASP A 120 14.43 -9.30 -5.16
CA ASP A 120 15.88 -9.45 -5.31
C ASP A 120 16.49 -8.22 -6.00
N TYR A 121 15.95 -7.04 -5.76
CA TYR A 121 16.41 -5.85 -6.48
C TYR A 121 17.88 -5.58 -6.26
N GLN A 122 18.42 -5.97 -5.12
CA GLN A 122 19.83 -5.69 -4.86
C GLN A 122 20.72 -6.40 -5.89
N ASN A 123 20.25 -7.55 -6.38
CA ASN A 123 20.99 -8.29 -7.38
C ASN A 123 20.92 -7.66 -8.77
N LYS A 124 20.04 -6.69 -8.95
CA LYS A 124 19.87 -6.07 -10.28
C LYS A 124 20.44 -4.66 -10.39
N LEU A 125 21.33 -4.30 -9.47
CA LEU A 125 21.90 -2.96 -9.40
C LEU A 125 23.30 -2.80 -10.01
N LYS A 126 24.18 -3.76 -9.77
CA LYS A 126 25.57 -3.65 -10.22
C LYS A 126 25.81 -4.48 -11.48
N ALA B 1 8.08 -4.96 -4.12
CA ALA B 1 7.42 -6.13 -3.62
C ALA B 1 6.62 -5.78 -2.39
N PHE B 2 5.77 -6.70 -1.98
CA PHE B 2 5.02 -6.54 -0.75
C PHE B 2 4.96 -7.82 0.05
N GLY B 3 5.17 -7.72 1.35
CA GLY B 3 4.88 -8.84 2.23
C GLY B 3 6.03 -9.80 2.30
N GLN B 4 6.68 -9.80 3.45
CA GLN B 4 7.81 -10.68 3.69
C GLN B 4 7.40 -11.83 4.60
N ASP B 5 7.62 -13.06 4.14
CA ASP B 5 7.37 -14.23 4.98
C ASP B 5 8.55 -15.19 4.86
N GLY B 6 9.42 -15.16 5.86
CA GLY B 6 10.67 -15.90 5.78
C GLY B 6 11.53 -15.30 4.69
N ASN B 7 11.88 -16.11 3.68
CA ASN B 7 12.64 -15.64 2.52
C ASN B 7 11.76 -15.18 1.38
N ASN B 8 10.46 -15.51 1.47
CA ASN B 8 9.52 -15.33 0.37
C ASN B 8 8.81 -13.99 0.40
N TRP B 9 8.62 -13.38 -0.76
CA TRP B 9 7.91 -12.12 -0.92
C TRP B 9 6.80 -12.26 -1.93
N MET B 10 5.87 -11.32 -1.94
CA MET B 10 4.95 -11.23 -3.06
C MET B 10 5.45 -10.15 -3.99
N GLU B 11 5.80 -10.53 -5.21
CA GLU B 11 6.02 -9.54 -6.23
C GLU B 11 4.67 -8.89 -6.55
N ILE B 12 4.70 -7.69 -7.11
CA ILE B 12 3.47 -6.93 -7.31
C ILE B 12 2.49 -7.68 -8.21
N ASP B 13 2.98 -8.40 -9.22
CA ASP B 13 2.07 -9.15 -10.07
C ASP B 13 1.54 -10.41 -9.35
N ASP B 14 2.32 -10.97 -8.43
CA ASP B 14 1.84 -12.07 -7.59
C ASP B 14 0.75 -11.59 -6.62
N LEU B 15 0.94 -10.42 -6.03
CA LEU B 15 -0.10 -9.86 -5.17
C LEU B 15 -1.38 -9.68 -5.93
N ALA B 16 -1.32 -9.21 -7.17
CA ALA B 16 -2.53 -9.06 -7.93
C ALA B 16 -3.23 -10.44 -8.11
N LYS B 17 -2.47 -11.50 -8.30
CA LYS B 17 -3.08 -12.84 -8.35
C LYS B 17 -3.74 -13.28 -7.05
N GLY B 18 -3.27 -12.75 -5.92
CA GLY B 18 -3.81 -13.19 -4.64
C GLY B 18 -5.11 -12.48 -4.29
N LEU B 19 -5.47 -11.49 -5.07
CA LEU B 19 -6.61 -10.67 -4.76
C LEU B 19 -7.73 -10.92 -5.74
N PRO B 20 -8.92 -11.18 -5.22
CA PRO B 20 -10.06 -11.24 -6.13
C PRO B 20 -10.31 -9.89 -6.79
N ASP B 21 -10.88 -9.94 -7.97
CA ASP B 21 -11.24 -8.74 -8.71
C ASP B 21 -12.61 -8.18 -8.25
N ASP B 22 -12.72 -6.87 -8.04
CA ASP B 22 -13.99 -6.15 -7.79
C ASP B 22 -14.67 -6.45 -6.46
N LEU B 23 -13.94 -7.07 -5.55
CA LEU B 23 -14.49 -7.40 -4.24
C LEU B 23 -14.33 -6.28 -3.23
N PHE B 24 -13.09 -5.86 -2.99
CA PHE B 24 -12.82 -4.87 -1.96
C PHE B 24 -13.17 -3.47 -2.41
N ASP B 25 -13.80 -2.72 -1.54
CA ASP B 25 -13.97 -1.30 -1.78
C ASP B 25 -12.65 -0.58 -1.66
N PHE B 26 -11.82 -1.01 -0.73
CA PHE B 26 -10.53 -0.35 -0.55
C PHE B 26 -9.45 -1.33 -0.12
N ILE B 27 -8.22 -0.95 -0.43
CA ILE B 27 -7.02 -1.56 0.13
C ILE B 27 -6.24 -0.46 0.80
N LEU B 28 -5.85 -0.70 2.05
CA LEU B 28 -4.99 0.18 2.78
C LEU B 28 -3.67 -0.53 2.96
N PHE B 29 -2.59 0.03 2.43
CA PHE B 29 -1.27 -0.53 2.66
C PHE B 29 -0.61 0.10 3.87
N ASP B 30 -0.46 -0.70 4.91
CA ASP B 30 0.35 -0.30 6.07
C ASP B 30 1.71 -0.92 5.82
N ALA B 31 2.51 -0.18 5.03
CA ALA B 31 3.73 -0.69 4.43
C ALA B 31 4.41 0.47 3.75
N CYS B 32 5.72 0.39 3.64
CA CYS B 32 6.45 1.42 2.93
C CYS B 32 6.24 1.35 1.42
N TYR B 33 6.32 2.52 0.78
CA TYR B 33 6.54 2.67 -0.64
C TYR B 33 5.41 2.19 -1.57
N MET B 34 4.23 1.83 -1.06
CA MET B 34 3.25 1.22 -1.92
C MET B 34 2.40 2.22 -2.73
N ALA B 35 2.43 3.52 -2.40
CA ALA B 35 1.74 4.51 -3.25
C ALA B 35 2.65 4.84 -4.46
N SER B 36 2.65 3.88 -5.37
CA SER B 36 3.44 3.84 -6.57
C SER B 36 2.50 3.74 -7.72
N VAL B 37 2.66 4.52 -8.79
CA VAL B 37 1.65 4.51 -9.84
C VAL B 37 1.60 3.12 -10.45
N GLU B 38 2.75 2.45 -10.58
CA GLU B 38 2.79 1.11 -11.11
C GLU B 38 1.98 0.14 -10.26
N CYS B 39 2.07 0.29 -8.94
CA CYS B 39 1.37 -0.63 -8.05
C CYS B 39 -0.11 -0.36 -8.09
N THR B 40 -0.53 0.91 -8.07
CA THR B 40 -1.94 1.20 -8.16
C THR B 40 -2.52 0.70 -9.49
N TYR B 41 -1.75 0.84 -10.56
CA TYR B 41 -2.20 0.36 -11.87
C TYR B 41 -2.35 -1.16 -11.86
N GLU B 42 -1.37 -1.87 -11.31
CA GLU B 42 -1.41 -3.32 -11.26
C GLU B 42 -2.63 -3.80 -10.49
N LEU B 43 -3.02 -3.04 -9.48
CA LEU B 43 -4.10 -3.42 -8.60
C LEU B 43 -5.39 -2.69 -8.90
N ARG B 44 -5.53 -2.08 -10.08
CA ARG B 44 -6.65 -1.21 -10.35
C ARG B 44 -8.01 -1.90 -10.30
N ASN B 45 -8.03 -3.19 -10.59
CA ASN B 45 -9.29 -3.95 -10.53
C ASN B 45 -9.51 -4.67 -9.22
N LYS B 46 -8.67 -4.42 -8.22
CA LYS B 46 -8.76 -5.07 -6.93
C LYS B 46 -9.43 -4.22 -5.86
N ALA B 47 -9.64 -2.93 -6.12
CA ALA B 47 -10.25 -2.04 -5.15
C ALA B 47 -10.73 -0.80 -5.88
N GLU B 48 -11.71 -0.09 -5.34
CA GLU B 48 -12.02 1.20 -5.92
CA GLU B 48 -12.12 1.23 -5.79
C GLU B 48 -11.09 2.27 -5.40
N TYR B 49 -10.55 2.10 -4.20
CA TYR B 49 -9.60 3.04 -3.61
C TYR B 49 -8.42 2.35 -3.04
N ILE B 50 -7.24 2.97 -3.20
CA ILE B 50 -6.01 2.50 -2.56
C ILE B 50 -5.43 3.62 -1.73
N LEU B 51 -5.30 3.33 -0.43
CA LEU B 51 -4.76 4.29 0.52
C LEU B 51 -3.39 3.80 0.92
N ALA B 52 -2.35 4.61 0.73
CA ALA B 52 -1.01 4.12 0.87
C ALA B 52 -0.03 5.27 1.07
N SER B 53 1.22 4.96 1.40
CA SER B 53 2.28 5.94 1.49
C SER B 53 3.26 5.80 0.36
N PRO B 54 3.68 6.91 -0.27
CA PRO B 54 4.71 6.78 -1.30
C PRO B 54 6.12 6.62 -0.77
N THR B 55 6.34 6.94 0.52
CA THR B 55 7.67 6.85 1.10
C THR B 55 7.62 5.86 2.25
N GLU B 56 8.51 6.01 3.20
CA GLU B 56 8.55 5.13 4.34
C GLU B 56 7.65 5.65 5.46
N THR B 57 7.13 4.71 6.21
CA THR B 57 6.22 4.99 7.30
C THR B 57 6.89 4.49 8.53
N MET B 58 6.81 5.27 9.60
CA MET B 58 7.41 4.82 10.85
C MET B 58 6.83 3.46 11.29
N ALA B 59 7.65 2.65 11.95
CA ALA B 59 7.26 1.29 12.30
C ALA B 59 6.01 1.28 13.20
N ASP B 60 5.79 2.36 13.94
CA ASP B 60 4.57 2.49 14.75
C ASP B 60 3.31 2.42 13.87
N GLY B 61 3.45 2.77 12.60
CA GLY B 61 2.42 2.48 11.64
C GLY B 61 1.23 3.41 11.73
N TRP B 62 0.10 2.88 11.35
CA TRP B 62 -1.10 3.67 11.27
C TRP B 62 -1.82 3.66 12.64
N PRO B 63 -2.51 4.73 13.00
CA PRO B 63 -3.20 4.83 14.29
C PRO B 63 -4.56 4.12 14.30
N TYR B 64 -4.55 2.79 14.47
CA TYR B 64 -5.75 2.01 14.29
C TYR B 64 -6.85 2.38 15.27
N GLU B 65 -6.50 2.77 16.50
CA GLU B 65 -7.55 3.11 17.45
C GLU B 65 -8.45 4.22 16.92
N GLU B 66 -7.82 5.28 16.42
CA GLU B 66 -8.57 6.42 15.93
C GLU B 66 -9.20 6.17 14.55
N MET B 67 -8.54 5.36 13.74
CA MET B 67 -9.05 5.02 12.42
CA MET B 67 -9.07 5.07 12.42
C MET B 67 -10.30 4.18 12.49
N MET B 68 -10.44 3.38 13.56
CA MET B 68 -11.47 2.33 13.56
C MET B 68 -12.91 2.81 13.29
N PRO B 69 -13.41 3.82 14.02
CA PRO B 69 -14.78 4.25 13.74
C PRO B 69 -14.91 4.79 12.32
N GLN B 70 -13.85 5.36 11.75
CA GLN B 70 -13.90 5.92 10.40
C GLN B 70 -13.90 4.78 9.39
N LEU B 71 -13.12 3.72 9.64
CA LEU B 71 -13.07 2.58 8.73
C LEU B 71 -14.43 1.85 8.64
N PHE B 72 -15.18 1.85 9.73
CA PHE B 72 -16.47 1.13 9.78
C PHE B 72 -17.69 2.05 9.63
N ALA B 73 -17.45 3.31 9.32
CA ALA B 73 -18.55 4.23 9.15
C ALA B 73 -19.47 3.86 7.98
N THR B 74 -20.76 4.15 8.09
CA THR B 74 -21.65 3.99 6.94
C THR B 74 -21.20 4.82 5.74
N ASP B 75 -20.79 6.04 6.03
CA ASP B 75 -20.32 6.93 4.99
C ASP B 75 -18.80 6.90 4.86
N LEU B 76 -18.24 5.75 4.56
CA LEU B 76 -16.80 5.57 4.49
C LEU B 76 -16.13 6.60 3.61
N GLN B 77 -15.25 7.41 4.19
CA GLN B 77 -14.49 8.41 3.45
C GLN B 77 -13.04 8.18 3.76
N LEU B 78 -12.32 7.54 2.84
CA LEU B 78 -10.95 7.18 3.11
C LEU B 78 -10.04 8.38 3.23
N GLU B 79 -10.47 9.53 2.71
CA GLU B 79 -9.68 10.72 2.95
C GLU B 79 -9.63 11.04 4.45
N LYS B 80 -10.69 10.75 5.18
CA LYS B 80 -10.70 10.98 6.62
C LYS B 80 -9.70 10.07 7.31
N VAL B 81 -9.67 8.83 6.85
CA VAL B 81 -8.76 7.83 7.42
C VAL B 81 -7.31 8.27 7.14
N GLY B 82 -7.02 8.73 5.91
CA GLY B 82 -5.68 9.23 5.63
C GLY B 82 -5.33 10.47 6.41
N GLU B 83 -6.30 11.37 6.64
CA GLU B 83 -6.09 12.55 7.46
C GLU B 83 -5.77 12.16 8.91
N THR B 84 -6.46 11.17 9.46
CA THR B 84 -6.15 10.66 10.77
C THR B 84 -4.70 10.14 10.86
N PHE B 85 -4.24 9.40 9.86
CA PHE B 85 -2.85 8.98 9.79
C PHE B 85 -1.87 10.16 9.78
N TYR B 86 -2.13 11.10 8.89
CA TYR B 86 -1.27 12.27 8.72
C TYR B 86 -1.20 13.10 9.98
N ASN B 87 -2.37 13.38 10.54
CA ASN B 87 -2.41 14.25 11.72
C ASN B 87 -1.75 13.61 12.94
N HIS B 88 -1.68 12.28 12.96
CA HIS B 88 -0.99 11.57 14.02
C HIS B 88 0.49 11.92 14.04
N TYR B 89 1.08 12.09 12.86
CA TYR B 89 2.52 12.23 12.80
C TYR B 89 2.90 13.71 12.90
N LEU B 90 1.89 14.58 13.02
CA LEU B 90 2.14 16.01 13.29
C LEU B 90 2.41 16.30 14.78
N ASN B 91 3.00 17.46 15.02
CA ASN B 91 4.00 17.79 16.05
C ASN B 91 4.32 16.61 16.99
N ASN B 92 5.21 15.77 16.44
CA ASN B 92 5.62 14.48 16.91
C ASN B 92 7.15 14.48 16.87
N THR B 93 7.80 13.58 17.60
CA THR B 93 9.26 13.51 17.56
C THR B 93 9.79 12.93 16.27
N TYR B 94 8.95 12.15 15.59
CA TYR B 94 9.25 11.69 14.25
C TYR B 94 8.16 12.15 13.32
N PRO B 95 8.11 13.46 13.03
CA PRO B 95 7.01 14.05 12.25
C PRO B 95 7.15 13.84 10.76
N TYR B 96 7.05 12.59 10.33
CA TYR B 96 7.41 12.20 9.01
C TYR B 96 6.38 11.22 8.50
N ALA B 97 5.60 11.65 7.53
CA ALA B 97 4.52 10.83 7.02
C ALA B 97 4.12 11.36 5.67
N THR B 98 3.83 10.42 4.77
CA THR B 98 3.28 10.77 3.47
C THR B 98 2.13 9.84 3.20
N VAL B 99 1.09 10.33 2.55
CA VAL B 99 -0.08 9.52 2.29
C VAL B 99 -0.77 10.01 1.02
N SER B 100 -1.41 9.07 0.34
CA SER B 100 -2.24 9.45 -0.79
C SER B 100 -3.35 8.44 -0.93
N LEU B 101 -4.42 8.90 -1.56
CA LEU B 101 -5.60 8.09 -1.87
C LEU B 101 -5.81 8.12 -3.37
N THR B 102 -5.77 6.95 -4.00
CA THR B 102 -5.93 6.80 -5.44
C THR B 102 -7.28 6.14 -5.75
N LYS B 103 -8.03 6.80 -6.62
CA LYS B 103 -9.29 6.30 -7.13
C LYS B 103 -9.01 5.51 -8.42
N THR B 104 -9.12 4.19 -8.34
CA THR B 104 -8.59 3.31 -9.37
C THR B 104 -9.35 3.42 -10.70
N SER B 105 -10.63 3.79 -10.67
CA SER B 105 -11.39 3.94 -11.89
C SER B 105 -10.85 5.03 -12.82
N GLU B 106 -10.04 5.95 -12.27
CA GLU B 106 -9.50 7.03 -13.05
C GLU B 106 -8.11 6.71 -13.62
N LEU B 107 -7.60 5.51 -13.37
CA LEU B 107 -6.26 5.17 -13.79
C LEU B 107 -6.19 4.90 -15.27
N ASP B 108 -7.25 4.40 -15.86
CA ASP B 108 -7.20 4.19 -17.31
C ASP B 108 -7.03 5.52 -18.10
N ASN B 109 -7.74 6.56 -17.70
CA ASN B 109 -7.59 7.88 -18.34
C ASN B 109 -6.18 8.42 -18.11
N LEU B 110 -5.65 8.20 -16.89
CA LEU B 110 -4.31 8.62 -16.59
C LEU B 110 -3.30 7.86 -17.43
N LYS B 111 -3.49 6.56 -17.56
CA LYS B 111 -2.66 5.74 -18.43
C LYS B 111 -2.60 6.29 -19.86
N SER B 112 -3.76 6.67 -20.42
CA SER B 112 -3.79 7.22 -21.77
CA SER B 112 -3.79 7.21 -21.77
C SER B 112 -2.98 8.52 -21.89
N ALA B 113 -3.10 9.39 -20.88
CA ALA B 113 -2.37 10.65 -20.90
C ALA B 113 -0.88 10.43 -20.83
N ILE B 114 -0.46 9.45 -20.04
CA ILE B 114 0.94 9.15 -19.92
C ILE B 114 1.48 8.45 -21.16
N HIS B 115 0.69 7.54 -21.72
CA HIS B 115 1.06 6.88 -22.95
C HIS B 115 1.37 7.88 -24.06
N ASP B 116 0.54 8.90 -24.15
CA ASP B 116 0.73 9.86 -25.22
C ASP B 116 2.01 10.69 -25.05
N ILE B 117 2.54 10.77 -23.83
CA ILE B 117 3.83 11.40 -23.52
C ILE B 117 5.00 10.45 -23.72
N LEU B 118 4.91 9.24 -23.15
CA LEU B 118 6.08 8.38 -23.06
C LEU B 118 6.32 7.43 -24.21
N ALA B 119 5.26 7.01 -24.89
CA ALA B 119 5.39 5.92 -25.86
C ALA B 119 6.34 6.26 -27.01
N ASP B 120 6.49 7.54 -27.35
CA ASP B 120 7.36 7.92 -28.46
C ASP B 120 8.73 8.40 -28.00
N LYS B 121 8.99 8.38 -26.69
CA LYS B 121 10.29 8.80 -26.18
C LYS B 121 11.33 7.68 -26.25
N THR B 122 12.59 8.02 -26.48
CA THR B 122 13.64 7.02 -26.49
C THR B 122 14.23 6.75 -25.11
N GLU B 123 14.88 5.60 -24.97
CA GLU B 123 15.49 5.29 -23.70
C GLU B 123 16.64 6.26 -23.43
N SER B 124 17.37 6.67 -24.47
CA SER B 124 18.47 7.61 -24.27
CA SER B 124 18.47 7.59 -24.23
C SER B 124 17.94 8.94 -23.73
N ASP B 125 16.77 9.35 -24.20
CA ASP B 125 16.16 10.57 -23.69
C ASP B 125 15.88 10.41 -22.20
N ILE B 126 15.21 9.34 -21.82
CA ILE B 126 14.90 9.06 -20.42
C ILE B 126 16.18 8.98 -19.59
N TYR B 127 17.20 8.29 -20.09
CA TYR B 127 18.45 8.14 -19.35
C TYR B 127 19.20 9.44 -19.15
N SER B 128 18.92 10.42 -19.99
CA SER B 128 19.62 11.69 -19.94
C SER B 128 19.14 12.62 -18.83
N LEU B 129 17.99 12.31 -18.23
CA LEU B 129 17.36 13.27 -17.36
C LEU B 129 18.22 13.60 -16.14
N ASP B 130 18.29 14.88 -15.83
CA ASP B 130 19.06 15.37 -14.69
C ASP B 130 18.28 15.04 -13.42
N PRO B 131 18.81 14.16 -12.55
CA PRO B 131 18.07 13.79 -11.33
C PRO B 131 17.88 14.96 -10.40
N LYS B 132 18.68 16.01 -10.50
CA LYS B 132 18.51 17.13 -9.57
C LYS B 132 17.17 17.86 -9.81
N ASN B 133 16.58 17.68 -10.99
CA ASN B 133 15.30 18.32 -11.29
C ASN B 133 14.08 17.58 -10.76
N MET B 134 14.29 16.40 -10.20
CA MET B 134 13.16 15.57 -9.76
C MET B 134 13.29 15.20 -8.30
N GLN B 135 12.16 15.19 -7.58
CA GLN B 135 12.16 14.81 -6.17
C GLN B 135 12.34 13.29 -5.99
N ARG B 136 13.45 12.91 -5.40
CA ARG B 136 13.67 11.52 -5.03
C ARG B 136 12.82 11.15 -3.81
N LEU B 137 12.18 10.00 -3.84
CA LEU B 137 11.27 9.61 -2.76
C LEU B 137 11.58 8.23 -2.21
N GLU B 138 12.76 7.71 -2.51
CA GLU B 138 13.13 6.37 -2.10
C GLU B 138 14.62 6.28 -1.89
N TYR B 139 14.99 5.75 -0.73
CA TYR B 139 16.37 5.54 -0.35
C TYR B 139 16.51 4.16 0.28
N LEU B 140 16.17 3.13 -0.48
CA LEU B 140 16.36 1.75 0.00
C LEU B 140 17.84 1.45 0.13
N TYR B 141 18.18 0.44 0.93
CA TYR B 141 19.58 0.09 1.05
C TYR B 141 20.13 -0.33 -0.32
N ARG B 142 21.36 0.11 -0.61
N ARG B 142 21.35 0.13 -0.61
CA ARG B 142 22.09 -0.15 -1.87
CA ARG B 142 22.09 -0.17 -1.84
C ARG B 142 21.53 0.55 -3.10
C ARG B 142 21.49 0.48 -3.11
N SER B 143 20.39 1.21 -2.97
CA SER B 143 19.76 1.88 -4.10
C SER B 143 20.46 3.18 -4.48
N PRO B 144 20.58 3.44 -5.78
CA PRO B 144 21.10 4.72 -6.24
C PRO B 144 19.98 5.73 -6.41
N GLY B 145 18.75 5.32 -6.09
CA GLY B 145 17.60 6.17 -6.25
C GLY B 145 16.86 5.77 -7.49
N MET B 146 15.73 5.11 -7.31
CA MET B 146 14.95 4.58 -8.42
C MET B 146 13.55 5.16 -8.53
N LEU B 147 12.96 5.51 -7.39
CA LEU B 147 11.60 5.99 -7.36
C LEU B 147 11.58 7.46 -7.08
N TYR B 148 10.97 8.18 -8.01
CA TYR B 148 10.86 9.63 -7.95
C TYR B 148 9.41 10.07 -7.98
N ASP B 149 9.18 11.31 -7.61
CA ASP B 149 7.86 11.87 -7.71
C ASP B 149 7.35 11.76 -9.16
N PHE B 150 6.15 11.21 -9.28
CA PHE B 150 5.54 10.94 -10.60
C PHE B 150 5.36 12.22 -11.45
N ASN B 151 4.78 13.26 -10.85
CA ASN B 151 4.64 14.55 -11.53
C ASN B 151 5.98 15.12 -11.99
N ASP B 152 7.00 15.11 -11.14
CA ASP B 152 8.27 15.68 -11.54
C ASP B 152 8.86 14.97 -12.75
N TYR B 153 8.76 13.64 -12.81
CA TYR B 153 9.26 12.88 -13.95
C TYR B 153 8.54 13.26 -15.23
N ILE B 154 7.23 13.25 -15.20
CA ILE B 154 6.44 13.52 -16.38
C ILE B 154 6.67 14.97 -16.84
N LYS B 155 6.78 15.89 -15.90
CA LYS B 155 7.03 17.29 -16.24
C LYS B 155 8.28 17.52 -17.09
N GLN B 156 9.27 16.65 -16.94
CA GLN B 156 10.49 16.72 -17.75
C GLN B 156 10.30 16.29 -19.19
N LEU B 157 9.20 15.60 -19.49
CA LEU B 157 9.02 14.97 -20.79
C LEU B 157 7.79 15.43 -21.58
N ALA B 158 6.87 16.15 -20.94
CA ALA B 158 5.62 16.56 -21.59
C ALA B 158 5.68 17.95 -22.22
N THR B 159 4.98 18.18 -23.32
CA THR B 159 4.71 19.56 -23.79
C THR B 159 3.76 20.26 -22.83
N ALA B 160 3.57 21.57 -22.93
CA ALA B 160 2.66 22.29 -22.06
C ALA B 160 1.26 21.70 -22.11
N GLU B 161 0.78 21.39 -23.30
CA GLU B 161 -0.57 20.87 -23.47
C GLU B 161 -0.65 19.43 -22.94
N GLN B 162 0.33 18.60 -23.25
CA GLN B 162 0.37 17.24 -22.66
C GLN B 162 0.40 17.25 -21.13
N TYR B 163 1.13 18.21 -20.58
CA TYR B 163 1.28 18.32 -19.14
C TYR B 163 -0.03 18.75 -18.55
N ASP B 164 -0.72 19.71 -19.18
CA ASP B 164 -2.01 20.16 -18.67
C ASP B 164 -3.00 19.00 -18.65
N ARG B 165 -3.03 18.18 -19.69
CA ARG B 165 -3.89 16.99 -19.73
C ARG B 165 -3.52 16.03 -18.60
N PHE B 166 -2.22 15.78 -18.43
CA PHE B 166 -1.73 14.92 -17.36
C PHE B 166 -2.22 15.38 -15.99
N ILE B 167 -2.09 16.66 -15.69
CA ILE B 167 -2.48 17.16 -14.38
C ILE B 167 -3.96 17.02 -14.19
N SER B 168 -4.75 17.22 -15.26
CA SER B 168 -6.19 17.04 -15.13
CA SER B 168 -6.20 17.04 -15.12
C SER B 168 -6.53 15.59 -14.72
N CYS B 169 -5.86 14.63 -15.36
CA CYS B 169 -6.06 13.22 -15.06
C CYS B 169 -5.49 12.82 -13.70
N LEU B 170 -4.35 13.38 -13.34
CA LEU B 170 -3.72 13.08 -12.07
C LEU B 170 -4.60 13.53 -10.92
N ASP B 171 -5.19 14.71 -11.04
CA ASP B 171 -6.05 15.21 -9.98
C ASP B 171 -7.33 14.39 -9.84
N LYS B 172 -7.79 13.74 -10.89
CA LYS B 172 -8.96 12.87 -10.76
C LYS B 172 -8.61 11.55 -10.11
N ALA B 173 -7.38 11.10 -10.31
CA ALA B 173 -6.92 9.84 -9.74
C ALA B 173 -6.47 9.96 -8.29
N VAL B 174 -5.66 10.97 -8.00
CA VAL B 174 -5.17 11.19 -6.64
C VAL B 174 -6.09 12.21 -5.99
N VAL B 175 -7.06 11.69 -5.27
CA VAL B 175 -8.12 12.52 -4.79
C VAL B 175 -7.84 13.10 -3.41
N TYR B 176 -6.81 12.60 -2.75
CA TYR B 176 -6.35 13.13 -1.49
C TYR B 176 -4.87 12.82 -1.35
N LYS B 177 -4.09 13.77 -0.85
CA LYS B 177 -2.71 13.50 -0.53
C LYS B 177 -2.23 14.46 0.52
N ALA B 178 -1.22 14.06 1.29
CA ALA B 178 -0.64 14.93 2.29
C ALA B 178 0.77 14.50 2.55
N HIS B 179 1.61 15.44 2.98
CA HIS B 179 2.97 15.08 3.33
C HIS B 179 3.48 16.04 4.37
N THR B 180 4.30 15.53 5.27
CA THR B 180 5.03 16.38 6.18
C THR B 180 6.18 17.07 5.43
N PRO B 181 6.81 18.10 6.00
CA PRO B 181 7.85 18.79 5.24
C PRO B 181 9.01 17.88 4.86
N LYS B 182 9.33 16.91 5.72
CA LYS B 182 10.40 15.96 5.45
C LYS B 182 9.90 14.54 5.58
N SER B 183 10.61 13.59 4.94
CA SER B 183 10.32 12.15 5.06
C SER B 183 11.57 11.47 5.56
N TYR B 184 11.40 10.48 6.43
CA TYR B 184 12.50 9.79 7.10
C TYR B 184 12.84 8.49 6.40
N TYR B 185 14.13 8.24 6.15
CA TYR B 185 14.53 7.05 5.45
C TYR B 185 15.48 6.28 6.34
N ALA B 186 15.11 5.04 6.66
CA ALA B 186 15.84 4.23 7.63
C ALA B 186 17.28 3.96 7.15
N ALA B 187 17.49 3.84 5.84
CA ALA B 187 18.81 3.42 5.36
C ALA B 187 19.83 4.57 5.39
N ILE B 188 19.39 5.77 5.76
CA ILE B 188 20.29 6.89 5.94
C ILE B 188 20.16 7.59 7.30
N GLY B 189 19.24 7.11 8.14
CA GLY B 189 18.99 7.65 9.47
C GLY B 189 18.74 9.14 9.53
N ASN B 190 18.09 9.64 8.48
CA ASN B 190 17.87 11.07 8.37
C ASN B 190 16.55 11.30 7.67
N ALA B 191 15.97 12.47 7.91
CA ALA B 191 14.83 12.92 7.15
C ALA B 191 15.29 13.95 6.14
N LEU B 192 14.72 13.88 4.94
CA LEU B 192 15.10 14.76 3.83
C LEU B 192 13.87 15.53 3.35
N PRO B 193 14.05 16.78 2.89
CA PRO B 193 12.90 17.58 2.49
C PRO B 193 12.19 17.05 1.27
N ILE B 194 10.89 17.20 1.31
CA ILE B 194 10.04 16.97 0.17
C ILE B 194 9.68 18.32 -0.42
N LYS B 195 10.26 18.63 -1.57
CA LYS B 195 10.07 19.92 -2.22
C LYS B 195 8.91 19.92 -3.20
N SER B 196 8.57 18.75 -3.71
CA SER B 196 7.55 18.57 -4.72
C SER B 196 6.86 17.25 -4.41
N TYR B 197 5.53 17.21 -4.46
CA TYR B 197 4.82 16.04 -3.97
C TYR B 197 3.46 15.88 -4.65
N CYS B 198 3.29 14.80 -5.38
CA CYS B 198 1.98 14.51 -5.99
C CYS B 198 1.24 13.33 -5.37
N GLY B 199 1.89 12.58 -4.48
CA GLY B 199 1.25 11.45 -3.84
C GLY B 199 1.62 10.10 -4.38
N LEU B 200 2.23 10.04 -5.55
CA LEU B 200 2.63 8.77 -6.13
C LEU B 200 4.08 8.84 -6.57
N THR B 201 4.78 7.70 -6.56
CA THR B 201 6.07 7.58 -7.19
C THR B 201 5.99 6.89 -8.54
N ILE B 202 7.06 7.04 -9.30
CA ILE B 202 7.27 6.29 -10.55
C ILE B 202 8.73 5.88 -10.66
N PHE B 203 8.99 4.77 -11.32
CA PHE B 203 10.34 4.37 -11.72
C PHE B 203 10.90 5.34 -12.74
N VAL B 204 12.10 5.83 -12.47
CA VAL B 204 12.86 6.53 -13.49
C VAL B 204 13.96 5.59 -13.96
N PRO B 205 13.81 5.02 -15.17
CA PRO B 205 14.86 4.14 -15.71
C PRO B 205 16.22 4.84 -15.81
N GLN B 206 17.30 4.09 -15.57
CA GLN B 206 18.65 4.63 -15.59
C GLN B 206 19.55 3.71 -16.37
N GLU B 207 20.48 4.31 -17.11
CA GLU B 207 21.36 3.55 -17.97
C GLU B 207 22.15 2.51 -17.19
N SER B 208 22.47 2.82 -15.94
CA SER B 208 23.26 1.92 -15.11
C SER B 208 22.45 0.76 -14.55
N LEU B 209 21.14 0.73 -14.78
CA LEU B 209 20.26 -0.29 -14.17
C LEU B 209 19.51 -1.12 -15.21
N PRO B 210 20.21 -1.66 -16.22
CA PRO B 210 19.50 -2.41 -17.27
C PRO B 210 18.72 -3.63 -16.78
N LYS B 211 19.21 -4.33 -15.77
CA LYS B 211 18.49 -5.51 -15.27
C LYS B 211 17.17 -5.11 -14.60
N MET B 212 17.17 -3.94 -13.97
CA MET B 212 15.95 -3.47 -13.34
C MET B 212 14.92 -3.15 -14.40
N LEU B 213 15.36 -2.49 -15.48
CA LEU B 213 14.42 -2.15 -16.55
C LEU B 213 13.89 -3.43 -17.22
N GLU B 214 14.75 -4.43 -17.40
CA GLU B 214 14.27 -5.67 -18.02
C GLU B 214 13.16 -6.30 -17.20
N TRP B 215 13.35 -6.35 -15.89
CA TRP B 215 12.34 -6.92 -15.02
C TRP B 215 11.06 -6.07 -15.05
N TYR B 216 11.21 -4.75 -14.99
CA TYR B 216 10.09 -3.82 -15.09
C TYR B 216 9.27 -4.03 -16.36
N LYS B 217 9.94 -4.15 -17.49
CA LYS B 217 9.23 -4.34 -18.75
C LYS B 217 8.42 -5.63 -18.79
N GLN B 218 8.97 -6.70 -18.23
CA GLN B 218 8.29 -7.99 -18.29
C GLN B 218 7.28 -8.23 -17.18
N ARG B 219 7.47 -7.62 -16.01
CA ARG B 219 6.67 -8.00 -14.87
C ARG B 219 5.74 -6.89 -14.36
N VAL B 220 5.97 -5.64 -14.78
CA VAL B 220 5.15 -4.54 -14.28
C VAL B 220 4.23 -4.05 -15.39
N GLY B 221 2.92 -4.26 -15.26
CA GLY B 221 1.97 -3.95 -16.34
C GLY B 221 2.02 -2.53 -16.88
N TRP B 222 2.34 -1.58 -16.01
CA TRP B 222 2.42 -0.18 -16.39
C TRP B 222 3.41 0.05 -17.53
N TYR B 223 4.50 -0.74 -17.61
CA TYR B 223 5.49 -0.48 -18.63
C TYR B 223 4.85 -0.61 -20.00
N LYS B 224 4.27 -1.78 -20.30
CA LYS B 224 3.75 -1.95 -21.66
C LYS B 224 2.58 -1.02 -21.91
N ALA B 225 1.84 -0.69 -20.85
CA ALA B 225 0.70 0.21 -20.96
C ALA B 225 1.06 1.64 -21.42
N VAL B 226 2.20 2.16 -21.01
CA VAL B 226 2.48 3.57 -21.33
C VAL B 226 3.74 3.82 -22.15
N TYR B 227 4.64 2.84 -22.22
CA TYR B 227 5.87 2.99 -23.00
C TYR B 227 5.78 2.37 -24.38
N GLU B 228 4.72 1.60 -24.62
CA GLU B 228 4.54 0.92 -25.91
C GLU B 228 3.21 1.22 -26.55
N VAL C 2 15.40 4.47 14.26
CA VAL C 2 14.06 3.91 14.39
C VAL C 2 13.67 3.14 13.14
N LEU C 3 12.89 2.08 13.32
CA LEU C 3 12.49 1.22 12.20
C LEU C 3 11.41 1.87 11.35
N THR C 4 11.42 1.55 10.07
CA THR C 4 10.33 1.92 9.17
C THR C 4 9.77 0.67 8.54
#